data_3BDV
#
_entry.id   3BDV
#
_cell.length_a   35.655
_cell.length_b   93.302
_cell.length_c   104.095
_cell.angle_alpha   90.000
_cell.angle_beta   90.000
_cell.angle_gamma   90.000
#
_symmetry.space_group_name_H-M   'P 21 21 21'
#
loop_
_entity.id
_entity.type
_entity.pdbx_description
1 polymer 'Uncharacterized protein DUF1234'
2 non-polymer 'CALCIUM ION'
3 non-polymer 'CHLORIDE ION'
4 non-polymer 1,2-ETHANEDIOL
5 water water
#
_entity_poly.entity_id   1
_entity_poly.type   'polypeptide(L)'
_entity_poly.pdbx_seq_one_letter_code
;G(MSE)QTTEIDLRLTEVSQQLT(MSE)VLVPGLRDSDDEHWQSHWERRFPHWQRIRQREWYQADLDRWVLAIRRELSVC
TQPVILIGHSFGALAACHVVQQGQEGIAGV(MSE)LVAPAEP(MSE)RFEIDDRIQASPLSVPTLTFASHNDPL(MSE)S
FTRAQYWAQAWDSELVDVGEAGHINAEAGFGPWEYGLKRLAEFSEILIPNR
;
_entity_poly.pdbx_strand_id   A,B
#
loop_
_chem_comp.id
_chem_comp.type
_chem_comp.name
_chem_comp.formula
CA non-polymer 'CALCIUM ION' 'Ca 2'
CL non-polymer 'CHLORIDE ION' 'Cl -1'
EDO non-polymer 1,2-ETHANEDIOL 'C2 H6 O2'
#
# COMPACT_ATOMS: atom_id res chain seq x y z
N GLY A 1 -20.77 -0.39 5.56
CA GLY A 1 -19.56 -1.00 4.94
C GLY A 1 -19.21 -2.34 5.56
N MSE A 2 -18.66 -3.22 4.74
CA MSE A 2 -18.19 -4.55 5.16
C MSE A 2 -17.07 -4.46 6.21
O MSE A 2 -17.01 -5.26 7.14
CB MSE A 2 -17.68 -5.31 3.92
CG MSE A 2 -17.80 -6.81 3.97
SE MSE A 2 -16.90 -7.55 2.37
CE MSE A 2 -14.98 -7.59 3.02
N GLN A 3 -16.20 -3.45 6.06
CA GLN A 3 -15.01 -3.28 6.89
C GLN A 3 -15.05 -2.04 7.83
N THR A 4 -16.22 -1.40 7.93
CA THR A 4 -16.42 -0.14 8.70
C THR A 4 -15.84 -0.09 10.15
N THR A 5 -16.22 -1.05 10.99
CA THR A 5 -15.82 -1.04 12.39
C THR A 5 -14.31 -1.23 12.50
N GLU A 6 -13.76 -2.09 11.65
CA GLU A 6 -12.33 -2.29 11.70
C GLU A 6 -11.61 -1.08 11.15
N ILE A 7 -12.15 -0.44 10.10
CA ILE A 7 -11.59 0.83 9.59
CA ILE A 7 -11.48 0.77 9.64
C ILE A 7 -11.55 1.87 10.71
N ASP A 8 -12.69 2.06 11.37
CA ASP A 8 -12.78 3.10 12.40
C ASP A 8 -11.85 2.87 13.55
N LEU A 9 -11.73 1.62 14.02
CA LEU A 9 -10.80 1.32 15.14
C LEU A 9 -9.37 1.62 14.74
N ARG A 10 -8.98 1.19 13.55
CA ARG A 10 -7.61 1.36 13.09
C ARG A 10 -7.32 2.84 12.91
N LEU A 11 -8.25 3.60 12.33
CA LEU A 11 -8.01 5.04 12.11
C LEU A 11 -8.03 5.83 13.41
N THR A 12 -8.86 5.40 14.35
CA THR A 12 -8.88 6.02 15.68
C THR A 12 -7.51 5.84 16.40
N GLU A 13 -6.90 4.67 16.31
CA GLU A 13 -5.52 4.49 16.81
C GLU A 13 -4.47 5.33 16.11
N VAL A 14 -4.56 5.41 14.79
CA VAL A 14 -3.60 6.25 14.04
C VAL A 14 -3.68 7.70 14.53
N SER A 15 -4.90 8.16 14.76
CA SER A 15 -5.12 9.54 15.20
C SER A 15 -4.54 9.87 16.58
N GLN A 16 -4.27 8.86 17.38
CA GLN A 16 -3.57 9.11 18.65
C GLN A 16 -2.17 9.69 18.44
N GLN A 17 -1.59 9.50 17.25
CA GLN A 17 -0.21 9.91 16.99
C GLN A 17 0.04 10.74 15.72
N LEU A 18 -0.88 10.70 14.76
CA LEU A 18 -0.79 11.48 13.52
C LEU A 18 -2.05 12.29 13.34
N THR A 19 -1.92 13.45 12.73
CA THR A 19 -3.06 14.31 12.48
C THR A 19 -3.36 14.33 11.01
N MSE A 20 -4.60 14.02 10.64
CA MSE A 20 -5.01 14.14 9.25
C MSE A 20 -5.42 15.57 8.99
O MSE A 20 -6.20 16.14 9.74
CB MSE A 20 -6.23 13.29 8.98
CG MSE A 20 -6.11 11.85 9.36
SE MSE A 20 -4.60 10.91 8.67
CE MSE A 20 -5.20 9.09 9.00
N VAL A 21 -4.93 16.12 7.87
CA VAL A 21 -5.35 17.45 7.41
C VAL A 21 -6.02 17.34 6.03
N LEU A 22 -7.32 17.64 5.96
CA LEU A 22 -8.06 17.65 4.72
C LEU A 22 -7.83 18.94 3.92
N VAL A 23 -7.34 18.79 2.69
CA VAL A 23 -7.11 19.90 1.76
C VAL A 23 -8.04 19.82 0.52
N PRO A 24 -9.17 20.54 0.54
CA PRO A 24 -10.07 20.59 -0.63
C PRO A 24 -9.48 21.37 -1.78
N GLY A 25 -10.06 21.14 -2.96
CA GLY A 25 -9.76 21.94 -4.13
C GLY A 25 -10.71 23.11 -4.34
N LEU A 26 -10.84 23.52 -5.60
CA LEU A 26 -11.66 24.67 -5.97
CA LEU A 26 -11.66 24.68 -5.95
C LEU A 26 -13.10 24.54 -5.48
N ARG A 27 -13.62 25.64 -4.96
CA ARG A 27 -15.00 25.78 -4.47
C ARG A 27 -15.24 25.09 -3.13
N ASP A 28 -14.21 24.49 -2.55
CA ASP A 28 -14.31 23.70 -1.32
C ASP A 28 -14.97 22.35 -1.58
N SER A 29 -14.94 21.46 -0.61
CA SER A 29 -15.62 20.20 -0.72
C SER A 29 -16.99 20.30 -0.10
N ASP A 30 -18.00 20.02 -0.91
CA ASP A 30 -19.36 20.16 -0.46
C ASP A 30 -19.78 19.03 0.51
N ASP A 31 -21.01 19.10 0.99
CA ASP A 31 -21.43 18.23 2.07
C ASP A 31 -21.37 16.76 1.76
N GLU A 32 -21.56 16.39 0.49
CA GLU A 32 -21.57 14.98 0.09
C GLU A 32 -20.26 14.47 -0.44
N HIS A 33 -19.26 15.35 -0.50
CA HIS A 33 -17.91 15.01 -0.92
C HIS A 33 -17.26 14.16 0.17
N TRP A 34 -16.46 13.20 -0.26
CA TRP A 34 -15.72 12.31 0.65
C TRP A 34 -14.97 13.03 1.73
N GLN A 35 -14.33 14.15 1.45
CA GLN A 35 -13.62 14.86 2.52
C GLN A 35 -14.58 15.32 3.63
N SER A 36 -15.81 15.65 3.24
CA SER A 36 -16.84 16.02 4.19
C SER A 36 -17.41 14.80 4.93
N HIS A 37 -17.64 13.69 4.23
CA HIS A 37 -17.97 12.45 4.92
C HIS A 37 -16.92 12.16 5.97
N TRP A 38 -15.67 12.28 5.59
CA TRP A 38 -14.58 11.91 6.51
C TRP A 38 -14.47 12.83 7.72
N GLU A 39 -14.70 14.11 7.48
CA GLU A 39 -14.71 15.10 8.55
C GLU A 39 -15.82 14.80 9.56
N ARG A 40 -17.02 14.50 9.09
CA ARG A 40 -18.12 14.09 9.99
C ARG A 40 -17.80 12.78 10.72
N ARG A 41 -17.18 11.83 10.02
CA ARG A 41 -16.88 10.52 10.61
C ARG A 41 -15.77 10.56 11.68
N PHE A 42 -14.82 11.49 11.52
CA PHE A 42 -13.62 11.63 12.36
C PHE A 42 -13.48 13.10 12.76
N PRO A 43 -14.27 13.54 13.73
CA PRO A 43 -14.34 14.98 14.00
C PRO A 43 -13.06 15.59 14.53
N HIS A 44 -12.10 14.77 14.93
CA HIS A 44 -10.79 15.24 15.36
C HIS A 44 -9.87 15.51 14.16
N TRP A 45 -10.22 15.02 12.96
CA TRP A 45 -9.42 15.37 11.79
C TRP A 45 -9.50 16.84 11.50
N GLN A 46 -8.45 17.41 10.94
CA GLN A 46 -8.39 18.83 10.66
CA GLN A 46 -8.37 18.84 10.68
C GLN A 46 -8.68 19.12 9.21
N ARG A 47 -8.95 20.38 8.91
CA ARG A 47 -9.34 20.79 7.56
C ARG A 47 -8.98 22.24 7.34
N ILE A 48 -8.46 22.55 6.16
CA ILE A 48 -7.99 23.92 5.92
C ILE A 48 -9.22 24.77 5.67
N ARG A 49 -9.12 26.04 5.99
CA ARG A 49 -10.14 27.03 5.71
C ARG A 49 -9.54 28.24 4.99
N GLN A 50 -10.34 28.89 4.18
CA GLN A 50 -9.96 30.22 3.67
C GLN A 50 -11.17 31.05 3.26
N ARG A 51 -10.92 32.33 3.01
CA ARG A 51 -11.97 33.27 2.69
C ARG A 51 -12.52 33.08 1.30
N GLU A 52 -11.66 32.76 0.34
CA GLU A 52 -12.05 32.67 -1.06
C GLU A 52 -11.68 31.29 -1.61
N TRP A 53 -12.66 30.56 -2.11
CA TRP A 53 -12.41 29.24 -2.69
C TRP A 53 -12.59 29.17 -4.20
N TYR A 54 -13.07 30.24 -4.83
CA TYR A 54 -13.48 30.14 -6.22
C TYR A 54 -12.41 30.49 -7.21
N GLN A 55 -11.28 30.99 -6.75
CA GLN A 55 -10.19 31.31 -7.65
C GLN A 55 -9.02 30.42 -7.30
N ALA A 56 -8.50 29.67 -8.27
CA ALA A 56 -7.32 28.84 -8.05
C ALA A 56 -6.16 29.77 -7.81
N ASP A 57 -5.62 29.77 -6.62
CA ASP A 57 -4.43 30.55 -6.36
C ASP A 57 -3.54 29.72 -5.50
N LEU A 58 -2.37 29.34 -6.00
CA LEU A 58 -1.55 28.37 -5.32
C LEU A 58 -1.08 28.92 -3.97
N ASP A 59 -0.66 30.17 -4.00
CA ASP A 59 -0.10 30.79 -2.79
C ASP A 59 -1.15 30.88 -1.68
N ARG A 60 -2.42 31.14 -2.01
CA ARG A 60 -3.44 31.15 -0.97
C ARG A 60 -3.65 29.79 -0.34
N TRP A 61 -3.69 28.76 -1.17
CA TRP A 61 -3.79 27.40 -0.66
C TRP A 61 -2.59 27.07 0.22
N VAL A 62 -1.39 27.45 -0.21
CA VAL A 62 -0.15 27.18 0.52
C VAL A 62 -0.16 27.90 1.88
N LEU A 63 -0.59 29.15 1.85
CA LEU A 63 -0.72 29.93 3.07
C LEU A 63 -1.75 29.24 4.00
N ALA A 64 -2.87 28.74 3.48
CA ALA A 64 -3.85 28.03 4.31
C ALA A 64 -3.32 26.75 4.94
N ILE A 65 -2.53 25.98 4.18
CA ILE A 65 -1.96 24.75 4.70
C ILE A 65 -0.92 25.10 5.78
N ARG A 66 -0.03 26.03 5.47
CA ARG A 66 0.96 26.54 6.46
C ARG A 66 0.26 26.96 7.77
N ARG A 67 -0.80 27.78 7.68
CA ARG A 67 -1.55 28.20 8.89
C ARG A 67 -1.93 26.98 9.67
N GLU A 68 -2.49 26.01 8.97
CA GLU A 68 -2.98 24.81 9.58
C GLU A 68 -1.88 24.03 10.30
N LEU A 69 -0.70 23.97 9.66
CA LEU A 69 0.42 23.18 10.22
C LEU A 69 1.03 23.83 11.45
N SER A 70 0.99 25.15 11.47
CA SER A 70 1.63 25.94 12.53
C SER A 70 1.09 25.54 13.88
N VAL A 71 -0.18 25.16 13.94
CA VAL A 71 -0.84 24.78 15.21
C VAL A 71 -0.97 23.28 15.45
N CYS A 72 -0.48 22.46 14.52
CA CYS A 72 -0.48 21.02 14.72
C CYS A 72 0.59 20.57 15.72
N THR A 73 0.22 19.65 16.60
CA THR A 73 1.15 19.16 17.62
C THR A 73 1.79 17.81 17.22
N GLN A 74 1.21 17.12 16.25
CA GLN A 74 1.73 15.83 15.82
C GLN A 74 2.13 15.96 14.34
N PRO A 75 2.87 14.98 13.82
CA PRO A 75 3.11 14.92 12.39
C PRO A 75 1.79 14.76 11.65
N VAL A 76 1.72 15.35 10.44
CA VAL A 76 0.49 15.47 9.70
C VAL A 76 0.53 14.59 8.45
N ILE A 77 -0.62 14.05 8.08
CA ILE A 77 -0.81 13.53 6.73
C ILE A 77 -1.73 14.49 5.99
N LEU A 78 -1.23 15.07 4.91
CA LEU A 78 -2.07 15.97 4.08
C LEU A 78 -2.93 15.12 3.15
N ILE A 79 -4.23 15.33 3.14
CA ILE A 79 -5.14 14.49 2.30
C ILE A 79 -5.79 15.51 1.34
N GLY A 80 -5.26 15.54 0.12
CA GLY A 80 -5.65 16.53 -0.87
C GLY A 80 -6.56 16.04 -1.98
N HIS A 81 -7.39 16.93 -2.52
CA HIS A 81 -8.18 16.62 -3.70
C HIS A 81 -7.89 17.64 -4.79
N SER A 82 -7.55 17.17 -6.00
CA SER A 82 -7.47 18.06 -7.17
C SER A 82 -6.47 19.22 -6.99
N PHE A 83 -6.91 20.48 -7.07
CA PHE A 83 -6.02 21.58 -6.77
C PHE A 83 -5.41 21.49 -5.37
N GLY A 84 -6.21 21.04 -4.41
CA GLY A 84 -5.71 20.79 -3.06
C GLY A 84 -4.55 19.82 -3.04
N ALA A 85 -4.58 18.79 -3.88
CA ALA A 85 -3.49 17.84 -3.90
C ALA A 85 -2.25 18.47 -4.49
N LEU A 86 -2.43 19.28 -5.55
CA LEU A 86 -1.28 20.07 -6.03
C LEU A 86 -0.69 20.93 -4.95
N ALA A 87 -1.54 21.61 -4.18
CA ALA A 87 -0.98 22.45 -3.11
C ALA A 87 -0.20 21.64 -2.11
N ALA A 88 -0.71 20.44 -1.76
CA ALA A 88 -0.06 19.55 -0.81
C ALA A 88 1.32 19.20 -1.38
N CYS A 89 1.35 18.88 -2.68
CA CYS A 89 2.59 18.55 -3.33
CA CYS A 89 2.61 18.56 -3.35
C CYS A 89 3.58 19.72 -3.26
N HIS A 90 3.11 20.92 -3.56
CA HIS A 90 3.98 22.05 -3.64
C HIS A 90 4.56 22.36 -2.25
N VAL A 91 3.74 22.27 -1.22
CA VAL A 91 4.22 22.59 0.13
C VAL A 91 5.33 21.62 0.57
N VAL A 92 5.17 20.34 0.28
CA VAL A 92 6.21 19.34 0.57
C VAL A 92 7.48 19.64 -0.25
N GLN A 93 7.29 19.98 -1.52
CA GLN A 93 8.42 20.27 -2.41
C GLN A 93 9.20 21.52 -2.00
N GLN A 94 8.53 22.46 -1.35
CA GLN A 94 9.19 23.68 -0.93
C GLN A 94 9.84 23.50 0.43
N GLY A 95 9.71 22.31 1.02
CA GLY A 95 10.52 21.93 2.22
C GLY A 95 9.87 22.08 3.58
N GLN A 96 8.56 22.26 3.62
CA GLN A 96 7.75 22.30 4.84
C GLN A 96 7.99 21.11 5.78
N GLU A 97 8.29 21.41 7.05
CA GLU A 97 8.50 20.39 8.08
CA GLU A 97 8.50 20.36 8.04
C GLU A 97 7.19 19.92 8.67
N GLY A 98 7.23 18.75 9.33
CA GLY A 98 6.14 18.24 10.15
C GLY A 98 5.12 17.46 9.37
N ILE A 99 5.49 17.01 8.18
CA ILE A 99 4.65 16.15 7.35
C ILE A 99 5.13 14.68 7.24
N ALA A 100 4.29 13.76 7.70
CA ALA A 100 4.60 12.31 7.73
C ALA A 100 4.36 11.69 6.37
N GLY A 101 3.35 12.18 5.66
CA GLY A 101 2.93 11.59 4.37
C GLY A 101 1.90 12.45 3.70
N VAL A 102 1.67 12.18 2.42
CA VAL A 102 0.62 12.90 1.71
CA VAL A 102 0.68 12.91 1.63
C VAL A 102 -0.15 11.92 0.85
N MSE A 103 -1.45 12.14 0.80
CA MSE A 103 -2.41 11.34 0.02
C MSE A 103 -3.01 12.29 -0.99
O MSE A 103 -3.64 13.28 -0.59
CB MSE A 103 -3.50 10.73 0.92
CG MSE A 103 -4.56 10.08 0.18
SE MSE A 103 -5.53 8.89 1.41
CE MSE A 103 -7.10 8.59 0.41
N LEU A 104 -2.77 12.01 -2.27
CA LEU A 104 -3.14 12.88 -3.41
C LEU A 104 -4.27 12.19 -4.17
N VAL A 105 -5.46 12.73 -4.04
CA VAL A 105 -6.62 12.09 -4.63
C VAL A 105 -7.06 12.92 -5.83
N ALA A 106 -6.99 12.32 -7.02
CA ALA A 106 -7.33 13.04 -8.27
C ALA A 106 -6.54 14.36 -8.36
N PRO A 107 -5.22 14.29 -8.25
CA PRO A 107 -4.44 15.50 -8.47
C PRO A 107 -4.72 16.00 -9.87
N ALA A 108 -4.83 17.32 -10.02
CA ALA A 108 -5.06 17.88 -11.34
C ALA A 108 -3.71 18.00 -12.09
N GLU A 109 -3.77 17.93 -13.41
CA GLU A 109 -2.64 18.30 -14.25
C GLU A 109 -2.33 19.77 -13.99
N PRO A 110 -1.08 20.06 -13.59
CA PRO A 110 -0.78 21.48 -13.28
C PRO A 110 -1.13 22.55 -14.33
N MSE A 111 -1.06 22.20 -15.60
CA MSE A 111 -1.39 23.15 -16.64
C MSE A 111 -2.83 23.61 -16.57
O MSE A 111 -3.12 24.76 -16.95
CB MSE A 111 -1.05 22.55 -18.02
CG MSE A 111 -1.42 23.40 -19.24
SE MSE A 111 -0.01 24.62 -19.53
CE MSE A 111 1.35 23.38 -20.24
N ARG A 112 -3.76 22.75 -16.12
CA ARG A 112 -5.15 23.13 -16.06
C ARG A 112 -5.39 24.33 -15.19
N PHE A 113 -4.50 24.57 -14.24
CA PHE A 113 -4.62 25.72 -13.37
C PHE A 113 -3.42 26.66 -13.52
N GLU A 114 -2.74 26.57 -14.65
CA GLU A 114 -1.57 27.44 -14.96
C GLU A 114 -0.52 27.49 -13.85
N ILE A 115 -0.26 26.34 -13.24
CA ILE A 115 0.78 26.20 -12.25
C ILE A 115 1.78 25.07 -12.62
N ASP A 116 1.88 24.84 -13.91
CA ASP A 116 2.91 23.99 -14.51
C ASP A 116 4.32 24.48 -14.25
N ASP A 117 4.48 25.76 -13.90
CA ASP A 117 5.77 26.31 -13.55
C ASP A 117 6.10 26.22 -12.07
N ARG A 118 5.19 25.68 -11.29
CA ARG A 118 5.37 25.58 -9.85
C ARG A 118 5.31 24.21 -9.27
N ILE A 119 4.88 23.23 -10.05
CA ILE A 119 4.83 21.89 -9.54
C ILE A 119 5.96 21.12 -10.22
N GLN A 120 6.90 20.56 -9.44
CA GLN A 120 8.07 19.89 -9.99
C GLN A 120 7.79 18.40 -10.22
N ALA A 121 8.38 17.87 -11.29
CA ALA A 121 8.36 16.46 -11.62
C ALA A 121 9.59 15.84 -10.97
N SER A 122 9.53 15.77 -9.66
CA SER A 122 10.63 15.25 -8.85
C SER A 122 10.08 14.66 -7.55
N PRO A 123 10.85 13.74 -6.95
CA PRO A 123 10.37 13.04 -5.79
C PRO A 123 9.97 13.89 -4.63
N LEU A 124 8.87 13.51 -4.01
CA LEU A 124 8.43 14.15 -2.81
C LEU A 124 9.29 13.57 -1.67
N SER A 125 9.66 14.41 -0.73
CA SER A 125 10.58 13.96 0.31
C SER A 125 9.87 13.05 1.33
N VAL A 126 8.57 12.84 1.18
CA VAL A 126 7.83 12.03 2.16
C VAL A 126 7.03 10.97 1.46
N PRO A 127 6.66 9.91 2.17
CA PRO A 127 5.79 8.90 1.58
C PRO A 127 4.49 9.48 1.03
N THR A 128 4.16 9.05 -0.19
CA THR A 128 3.03 9.56 -0.96
C THR A 128 2.19 8.43 -1.60
N LEU A 129 0.89 8.61 -1.53
CA LEU A 129 -0.07 7.76 -2.18
C LEU A 129 -0.94 8.63 -3.11
N THR A 130 -1.12 8.19 -4.38
CA THR A 130 -1.88 8.93 -5.38
C THR A 130 -3.01 8.06 -5.91
N PHE A 131 -4.22 8.60 -5.96
CA PHE A 131 -5.38 7.87 -6.47
C PHE A 131 -5.78 8.56 -7.78
N ALA A 132 -5.90 7.78 -8.84
CA ALA A 132 -6.14 8.31 -10.20
C ALA A 132 -7.32 7.61 -10.84
N SER A 133 -8.18 8.39 -11.49
CA SER A 133 -9.34 7.89 -12.24
C SER A 133 -9.04 7.84 -13.76
N HIS A 134 -9.75 6.97 -14.48
CA HIS A 134 -9.57 6.93 -15.92
C HIS A 134 -10.45 7.92 -16.68
N ASN A 135 -11.41 8.55 -16.00
CA ASN A 135 -12.28 9.58 -16.61
C ASN A 135 -12.45 10.84 -15.76
N ASP A 136 -11.31 11.33 -15.31
CA ASP A 136 -11.21 12.56 -14.55
C ASP A 136 -10.92 13.66 -15.56
N PRO A 137 -11.80 14.65 -15.68
CA PRO A 137 -11.53 15.71 -16.68
C PRO A 137 -10.24 16.47 -16.51
N LEU A 138 -9.71 16.52 -15.30
CA LEU A 138 -8.54 17.36 -15.06
C LEU A 138 -7.23 16.61 -15.08
N MSE A 139 -7.25 15.29 -15.22
CA MSE A 139 -6.02 14.50 -15.26
C MSE A 139 -6.21 13.17 -15.96
O MSE A 139 -7.01 12.37 -15.54
CB MSE A 139 -5.48 14.29 -13.82
CG MSE A 139 -4.21 13.48 -13.71
SE MSE A 139 -2.60 14.36 -14.22
CE MSE A 139 -2.00 15.07 -12.48
N SER A 140 -5.50 12.97 -17.07
CA SER A 140 -5.61 11.67 -17.77
C SER A 140 -4.91 10.63 -16.92
N PHE A 141 -5.33 9.38 -17.06
CA PHE A 141 -4.67 8.33 -16.29
C PHE A 141 -3.18 8.18 -16.62
N THR A 142 -2.82 8.29 -17.89
CA THR A 142 -1.41 8.09 -18.24
CA THR A 142 -1.41 8.14 -18.30
C THR A 142 -0.57 9.22 -17.66
N ARG A 143 -1.13 10.43 -17.58
CA ARG A 143 -0.40 11.52 -16.95
C ARG A 143 -0.34 11.39 -15.45
N ALA A 144 -1.40 10.83 -14.85
CA ALA A 144 -1.35 10.46 -13.42
C ALA A 144 -0.18 9.51 -13.17
N GLN A 145 -0.01 8.52 -14.06
CA GLN A 145 1.14 7.63 -13.96
C GLN A 145 2.48 8.35 -14.06
N TYR A 146 2.56 9.28 -14.99
CA TYR A 146 3.78 10.14 -15.16
C TYR A 146 4.09 10.88 -13.87
N TRP A 147 3.09 11.58 -13.33
CA TRP A 147 3.33 12.35 -12.13
C TRP A 147 3.64 11.46 -10.92
N ALA A 148 2.89 10.39 -10.75
CA ALA A 148 3.12 9.46 -9.63
C ALA A 148 4.57 8.96 -9.67
N GLN A 149 5.04 8.56 -10.85
CA GLN A 149 6.38 8.03 -11.01
C GLN A 149 7.38 9.13 -10.70
N ALA A 150 7.15 10.32 -11.23
CA ALA A 150 8.07 11.43 -10.95
C ALA A 150 8.13 11.75 -9.45
N TRP A 151 6.97 11.74 -8.78
CA TRP A 151 6.86 12.10 -7.37
C TRP A 151 7.30 10.97 -6.44
N ASP A 152 7.60 9.81 -7.02
CA ASP A 152 7.87 8.59 -6.26
C ASP A 152 6.70 8.24 -5.32
N SER A 153 5.50 8.28 -5.89
CA SER A 153 4.28 7.96 -5.19
C SER A 153 3.77 6.61 -5.65
N GLU A 154 3.10 5.87 -4.75
CA GLU A 154 2.34 4.71 -5.14
CA GLU A 154 2.35 4.70 -5.17
C GLU A 154 1.14 5.21 -5.92
N LEU A 155 0.74 4.48 -6.94
CA LEU A 155 -0.37 4.88 -7.82
C LEU A 155 -1.49 3.88 -7.72
N VAL A 156 -2.64 4.37 -7.26
CA VAL A 156 -3.84 3.55 -7.05
C VAL A 156 -4.83 3.92 -8.10
N ASP A 157 -5.03 2.98 -9.01
CA ASP A 157 -6.04 3.07 -10.09
C ASP A 157 -7.44 2.73 -9.56
N VAL A 158 -8.32 3.75 -9.50
CA VAL A 158 -9.68 3.63 -9.00
C VAL A 158 -10.69 3.46 -10.15
N GLY A 159 -10.22 3.14 -11.33
CA GLY A 159 -11.11 2.89 -12.44
C GLY A 159 -11.77 4.16 -12.96
N GLU A 160 -12.97 3.99 -13.52
CA GLU A 160 -13.73 5.14 -13.99
C GLU A 160 -14.47 5.74 -12.83
N ALA A 161 -13.82 6.65 -12.12
CA ALA A 161 -14.36 7.24 -10.93
C ALA A 161 -14.62 8.73 -11.10
N GLY A 162 -14.83 9.14 -12.35
CA GLY A 162 -14.96 10.58 -12.61
C GLY A 162 -13.83 11.40 -11.99
N HIS A 163 -14.21 12.52 -11.38
CA HIS A 163 -13.29 13.44 -10.69
C HIS A 163 -13.13 13.12 -9.19
N ILE A 164 -13.68 11.98 -8.77
CA ILE A 164 -13.61 11.44 -7.41
C ILE A 164 -14.21 12.50 -6.46
N ASN A 165 -15.47 12.78 -6.69
CA ASN A 165 -16.21 13.79 -5.96
C ASN A 165 -17.63 13.22 -5.74
N ALA A 166 -18.50 14.02 -5.12
CA ALA A 166 -19.84 13.56 -4.75
C ALA A 166 -20.61 13.11 -5.96
N GLU A 167 -20.48 13.87 -7.04
CA GLU A 167 -21.26 13.64 -8.26
C GLU A 167 -20.91 12.27 -8.81
N ALA A 168 -19.68 11.80 -8.55
CA ALA A 168 -19.21 10.44 -8.91
C ALA A 168 -19.52 9.34 -7.86
N GLY A 169 -20.14 9.70 -6.75
CA GLY A 169 -20.42 8.70 -5.73
C GLY A 169 -19.42 8.65 -4.58
N PHE A 170 -18.59 9.67 -4.43
CA PHE A 170 -17.59 9.74 -3.36
C PHE A 170 -17.87 11.03 -2.61
N GLY A 171 -18.77 11.00 -1.62
CA GLY A 171 -19.35 9.79 -1.06
C GLY A 171 -18.54 9.31 0.10
N PRO A 172 -19.05 8.31 0.82
CA PRO A 172 -18.32 7.84 1.99
C PRO A 172 -16.96 7.28 1.69
N TRP A 173 -16.78 6.68 0.52
CA TRP A 173 -15.50 6.12 0.08
C TRP A 173 -14.71 5.36 1.15
N GLU A 174 -15.28 4.24 1.56
CA GLU A 174 -14.62 3.38 2.51
C GLU A 174 -13.30 2.85 1.97
N TYR A 175 -13.20 2.63 0.64
CA TYR A 175 -11.94 2.13 0.09
C TYR A 175 -10.81 3.13 0.32
N GLY A 176 -11.07 4.43 0.15
CA GLY A 176 -10.06 5.43 0.49
C GLY A 176 -9.64 5.41 1.96
N LEU A 177 -10.62 5.29 2.86
CA LEU A 177 -10.33 5.14 4.26
C LEU A 177 -9.52 3.91 4.58
N LYS A 178 -9.88 2.79 3.95
CA LYS A 178 -9.08 1.55 4.09
C LYS A 178 -7.62 1.75 3.67
N ARG A 179 -7.40 2.27 2.46
CA ARG A 179 -6.03 2.55 2.04
C ARG A 179 -5.29 3.53 2.93
N LEU A 180 -5.97 4.57 3.38
CA LEU A 180 -5.37 5.50 4.27
C LEU A 180 -4.90 4.83 5.57
N ALA A 181 -5.72 3.93 6.10
CA ALA A 181 -5.36 3.21 7.29
C ALA A 181 -4.08 2.41 7.11
N GLU A 182 -4.02 1.68 6.01
CA GLU A 182 -2.88 0.84 5.64
C GLU A 182 -1.59 1.63 5.58
N PHE A 183 -1.68 2.75 4.87
CA PHE A 183 -0.56 3.71 4.62
C PHE A 183 -0.13 4.40 5.87
N SER A 184 -1.07 4.97 6.60
CA SER A 184 -0.76 5.71 7.80
C SER A 184 -0.20 4.87 8.90
N GLU A 185 -0.64 3.62 9.07
CA GLU A 185 -0.09 2.83 10.18
C GLU A 185 1.43 2.71 10.10
N ILE A 186 1.98 2.62 8.89
CA ILE A 186 3.44 2.49 8.73
C ILE A 186 4.13 3.81 8.98
N LEU A 187 3.38 4.89 9.12
CA LEU A 187 3.98 6.17 9.46
C LEU A 187 3.87 6.53 10.94
N ILE A 188 3.20 5.70 11.72
CA ILE A 188 3.03 5.99 13.15
C ILE A 188 4.40 5.87 13.84
N PRO A 189 4.80 6.89 14.62
CA PRO A 189 6.12 6.83 15.33
C PRO A 189 6.29 5.66 16.29
N ASN A 190 5.27 5.34 17.08
CA ASN A 190 5.30 4.27 18.09
C ASN A 190 4.19 3.27 17.87
N ARG A 191 4.50 2.23 17.12
CA ARG A 191 3.53 1.24 16.69
C ARG A 191 3.86 -0.07 17.41
N THR B 5 -5.58 -6.06 -18.13
CA THR B 5 -4.49 -5.66 -19.06
C THR B 5 -3.73 -4.46 -18.51
N GLU B 6 -4.44 -3.54 -17.86
CA GLU B 6 -3.80 -2.45 -17.12
C GLU B 6 -2.86 -3.04 -16.07
N ILE B 7 -3.37 -4.01 -15.30
CA ILE B 7 -2.49 -4.67 -14.36
C ILE B 7 -1.32 -5.39 -15.05
N ASP B 8 -1.60 -6.13 -16.13
CA ASP B 8 -0.52 -6.88 -16.79
CA ASP B 8 -0.52 -6.87 -16.80
C ASP B 8 0.54 -5.92 -17.34
N LEU B 9 0.10 -4.82 -17.94
CA LEU B 9 1.04 -3.84 -18.48
C LEU B 9 1.96 -3.28 -17.40
N ARG B 10 1.37 -2.93 -16.26
CA ARG B 10 2.13 -2.36 -15.16
C ARG B 10 3.15 -3.36 -14.62
N LEU B 11 2.72 -4.61 -14.46
CA LEU B 11 3.56 -5.64 -13.91
C LEU B 11 4.68 -6.04 -14.89
N THR B 12 4.40 -6.05 -16.20
CA THR B 12 5.45 -6.26 -17.23
C THR B 12 6.53 -5.21 -17.13
N GLU B 13 6.11 -3.98 -16.94
CA GLU B 13 7.06 -2.91 -16.81
C GLU B 13 7.95 -3.12 -15.58
N VAL B 14 7.36 -3.54 -14.47
CA VAL B 14 8.12 -3.78 -13.22
C VAL B 14 9.14 -4.93 -13.44
N SER B 15 8.72 -5.92 -14.20
CA SER B 15 9.52 -7.13 -14.43
C SER B 15 10.76 -6.87 -15.23
N GLN B 16 10.81 -5.74 -15.94
CA GLN B 16 12.06 -5.32 -16.58
C GLN B 16 13.16 -4.99 -15.54
N GLN B 17 12.79 -4.82 -14.27
CA GLN B 17 13.75 -4.40 -13.23
C GLN B 17 13.77 -5.20 -11.93
N LEU B 18 12.67 -5.91 -11.66
CA LEU B 18 12.50 -6.74 -10.46
C LEU B 18 12.05 -8.12 -10.85
N THR B 19 12.52 -9.13 -10.12
CA THR B 19 12.14 -10.52 -10.31
C THR B 19 11.24 -10.99 -9.19
N MSE B 20 10.09 -11.53 -9.58
CA MSE B 20 9.15 -12.08 -8.62
CA MSE B 20 9.14 -12.08 -8.62
C MSE B 20 9.51 -13.53 -8.34
O MSE B 20 9.80 -14.28 -9.26
CB MSE B 20 7.71 -12.04 -9.09
CB MSE B 20 7.70 -11.97 -9.14
CG MSE B 20 7.13 -10.71 -9.55
CG MSE B 20 7.06 -10.58 -8.99
SE MSE B 20 7.39 -9.22 -8.41
SE MSE B 20 7.94 -9.17 -10.03
CE MSE B 20 6.67 -7.86 -9.67
CE MSE B 20 6.51 -7.83 -10.01
N VAL B 21 9.48 -13.89 -7.05
CA VAL B 21 9.75 -15.25 -6.60
C VAL B 21 8.60 -15.67 -5.69
N LEU B 22 7.81 -16.62 -6.22
CA LEU B 22 6.67 -17.20 -5.51
C LEU B 22 7.14 -18.30 -4.55
N VAL B 23 6.71 -18.17 -3.30
CA VAL B 23 7.06 -19.12 -2.24
C VAL B 23 5.81 -19.75 -1.63
N PRO B 24 5.40 -20.94 -2.12
CA PRO B 24 4.26 -21.68 -1.55
C PRO B 24 4.52 -22.15 -0.14
N GLY B 25 3.44 -22.46 0.57
CA GLY B 25 3.52 -23.03 1.90
C GLY B 25 3.45 -24.54 1.84
N LEU B 26 2.97 -25.15 2.92
CA LEU B 26 2.94 -26.62 3.02
CA LEU B 26 2.93 -26.62 3.01
C LEU B 26 2.07 -27.28 1.93
N ARG B 27 2.55 -28.41 1.42
CA ARG B 27 1.89 -29.21 0.36
CA ARG B 27 1.88 -29.20 0.37
C ARG B 27 1.93 -28.50 -0.99
N ASP B 28 2.62 -27.36 -1.07
CA ASP B 28 2.75 -26.59 -2.31
C ASP B 28 1.40 -25.98 -2.70
N SER B 29 1.40 -25.07 -3.68
CA SER B 29 0.18 -24.40 -4.13
C SER B 29 -0.44 -25.12 -5.30
N ASP B 30 -1.64 -25.68 -5.11
CA ASP B 30 -2.38 -26.42 -6.13
CA ASP B 30 -2.32 -26.44 -6.14
C ASP B 30 -2.60 -25.60 -7.39
N ASP B 31 -3.02 -26.24 -8.48
CA ASP B 31 -3.26 -25.49 -9.71
C ASP B 31 -4.30 -24.37 -9.63
N GLU B 32 -5.27 -24.45 -8.72
CA GLU B 32 -6.27 -23.37 -8.62
C GLU B 32 -5.90 -22.28 -7.61
N HIS B 33 -4.80 -22.49 -6.88
CA HIS B 33 -4.27 -21.51 -5.91
C HIS B 33 -3.78 -20.29 -6.67
N TRP B 34 -3.90 -19.09 -6.06
CA TRP B 34 -3.50 -17.84 -6.71
C TRP B 34 -2.05 -17.83 -7.17
N GLN B 35 -1.16 -18.48 -6.42
CA GLN B 35 0.25 -18.49 -6.82
C GLN B 35 0.40 -19.21 -8.15
N SER B 36 -0.43 -20.23 -8.38
CA SER B 36 -0.35 -20.98 -9.62
C SER B 36 -1.00 -20.21 -10.78
N HIS B 37 -2.14 -19.56 -10.52
CA HIS B 37 -2.77 -18.63 -11.44
C HIS B 37 -1.71 -17.63 -11.91
N TRP B 38 -1.00 -17.04 -10.97
CA TRP B 38 -0.01 -16.00 -11.29
C TRP B 38 1.20 -16.52 -12.06
N GLU B 39 1.70 -17.70 -11.66
CA GLU B 39 2.77 -18.39 -12.38
C GLU B 39 2.37 -18.63 -13.85
N ARG B 40 1.12 -19.07 -14.07
CA ARG B 40 0.60 -19.22 -15.45
C ARG B 40 0.45 -17.89 -16.20
N ARG B 41 0.05 -16.85 -15.48
CA ARG B 41 -0.26 -15.56 -16.08
C ARG B 41 1.01 -14.80 -16.41
N PHE B 42 2.06 -15.05 -15.63
CA PHE B 42 3.37 -14.40 -15.79
C PHE B 42 4.47 -15.44 -15.80
N PRO B 43 4.64 -16.14 -16.93
CA PRO B 43 5.58 -17.27 -17.01
C PRO B 43 7.03 -16.99 -16.61
N HIS B 44 7.45 -15.74 -16.66
CA HIS B 44 8.79 -15.32 -16.31
C HIS B 44 9.04 -15.15 -14.82
N TRP B 45 8.00 -15.10 -14.00
CA TRP B 45 8.19 -15.06 -12.56
C TRP B 45 8.78 -16.39 -12.10
N GLN B 46 9.55 -16.38 -11.02
CA GLN B 46 10.16 -17.60 -10.51
CA GLN B 46 10.16 -17.61 -10.54
C GLN B 46 9.31 -18.20 -9.42
N ARG B 47 9.59 -19.45 -9.07
CA ARG B 47 8.82 -20.15 -8.08
C ARG B 47 9.70 -21.24 -7.46
N ILE B 48 9.72 -21.29 -6.14
CA ILE B 48 10.60 -22.23 -5.48
C ILE B 48 10.14 -23.68 -5.67
N ARG B 49 11.12 -24.55 -5.79
CA ARG B 49 10.87 -25.98 -5.99
C ARG B 49 11.53 -26.74 -4.88
N GLN B 50 10.90 -27.85 -4.47
CA GLN B 50 11.46 -28.82 -3.50
C GLN B 50 11.08 -30.23 -3.90
N ARG B 51 11.84 -31.22 -3.46
CA ARG B 51 11.48 -32.61 -3.76
C ARG B 51 10.25 -33.07 -2.94
N GLU B 52 10.12 -32.55 -1.71
CA GLU B 52 8.95 -32.83 -0.86
C GLU B 52 8.36 -31.58 -0.19
N TRP B 53 7.04 -31.58 -0.11
CA TRP B 53 6.25 -30.49 0.46
C TRP B 53 5.35 -30.93 1.61
N TYR B 54 5.48 -32.21 2.00
CA TYR B 54 4.54 -32.87 2.88
C TYR B 54 4.57 -32.29 4.27
N GLN B 55 5.77 -32.00 4.77
CA GLN B 55 6.02 -31.61 6.15
C GLN B 55 6.75 -30.26 6.23
N ALA B 56 6.29 -29.41 7.13
CA ALA B 56 6.88 -28.08 7.32
C ALA B 56 8.30 -28.19 7.82
N ASP B 57 9.23 -27.50 7.18
CA ASP B 57 10.64 -27.51 7.58
C ASP B 57 11.27 -26.20 7.20
N LEU B 58 11.53 -25.36 8.18
CA LEU B 58 12.01 -24.02 7.90
C LEU B 58 13.30 -24.02 7.08
N ASP B 59 14.29 -24.78 7.57
CA ASP B 59 15.58 -24.84 6.92
C ASP B 59 15.45 -25.18 5.44
N ARG B 60 14.61 -26.16 5.10
CA ARG B 60 14.45 -26.60 3.71
C ARG B 60 13.87 -25.45 2.88
N TRP B 61 12.82 -24.81 3.37
CA TRP B 61 12.20 -23.69 2.61
C TRP B 61 13.19 -22.59 2.35
N VAL B 62 13.91 -22.25 3.41
CA VAL B 62 14.88 -21.17 3.36
C VAL B 62 16.00 -21.46 2.36
N LEU B 63 16.48 -22.70 2.34
CA LEU B 63 17.52 -23.09 1.40
C LEU B 63 16.99 -23.00 -0.02
N ALA B 64 15.76 -23.47 -0.25
CA ALA B 64 15.10 -23.40 -1.58
C ALA B 64 15.01 -21.98 -2.07
N ILE B 65 14.61 -21.07 -1.19
CA ILE B 65 14.59 -19.63 -1.51
C ILE B 65 15.97 -19.12 -1.87
N ARG B 66 16.95 -19.40 -1.02
CA ARG B 66 18.31 -18.99 -1.29
C ARG B 66 18.84 -19.57 -2.61
N ARG B 67 18.46 -20.80 -2.96
CA ARG B 67 18.87 -21.37 -4.24
CA ARG B 67 18.83 -21.40 -4.25
C ARG B 67 18.31 -20.55 -5.39
N GLU B 68 17.05 -20.15 -5.26
CA GLU B 68 16.40 -19.37 -6.29
C GLU B 68 17.05 -18.00 -6.43
N LEU B 69 17.33 -17.36 -5.30
CA LEU B 69 18.04 -16.08 -5.30
C LEU B 69 19.42 -16.15 -5.93
N SER B 70 20.07 -17.29 -5.82
CA SER B 70 21.45 -17.41 -6.35
C SER B 70 21.47 -17.27 -7.87
N VAL B 71 20.39 -17.63 -8.55
CA VAL B 71 20.32 -17.51 -10.00
C VAL B 71 19.52 -16.29 -10.50
N CYS B 72 19.06 -15.44 -9.59
CA CYS B 72 18.40 -14.17 -9.98
C CYS B 72 19.40 -13.05 -10.19
N THR B 73 19.30 -12.39 -11.33
CA THR B 73 20.16 -11.27 -11.63
C THR B 73 19.56 -9.91 -11.20
N GLN B 74 18.27 -9.87 -10.92
CA GLN B 74 17.64 -8.63 -10.51
C GLN B 74 17.27 -8.70 -9.05
N PRO B 75 17.07 -7.54 -8.40
CA PRO B 75 16.50 -7.56 -7.06
C PRO B 75 15.15 -8.26 -7.07
N VAL B 76 14.82 -8.95 -5.97
CA VAL B 76 13.65 -9.82 -5.95
CA VAL B 76 13.66 -9.82 -5.94
C VAL B 76 12.56 -9.33 -4.98
N ILE B 77 11.32 -9.60 -5.34
CA ILE B 77 10.23 -9.49 -4.41
C ILE B 77 9.80 -10.95 -4.13
N LEU B 78 9.85 -11.36 -2.88
CA LEU B 78 9.40 -12.69 -2.40
C LEU B 78 7.91 -12.57 -2.14
N ILE B 79 7.12 -13.45 -2.75
CA ILE B 79 5.69 -13.48 -2.61
C ILE B 79 5.31 -14.83 -1.94
N GLY B 80 5.15 -14.77 -0.62
CA GLY B 80 4.95 -15.96 0.17
C GLY B 80 3.50 -16.16 0.57
N HIS B 81 3.15 -17.45 0.71
CA HIS B 81 1.88 -17.84 1.32
C HIS B 81 2.13 -18.70 2.58
N SER B 82 1.49 -18.30 3.68
CA SER B 82 1.39 -19.15 4.92
C SER B 82 2.78 -19.53 5.43
N PHE B 83 3.15 -20.82 5.50
CA PHE B 83 4.53 -21.16 5.88
C PHE B 83 5.60 -20.55 4.95
N GLY B 84 5.27 -20.39 3.68
CA GLY B 84 6.17 -19.72 2.72
C GLY B 84 6.40 -18.27 3.09
N ALA B 85 5.39 -17.63 3.65
CA ALA B 85 5.54 -16.24 4.12
C ALA B 85 6.50 -16.15 5.31
N LEU B 86 6.39 -17.10 6.21
CA LEU B 86 7.30 -17.20 7.35
C LEU B 86 8.76 -17.43 6.90
N ALA B 87 8.93 -18.28 5.90
CA ALA B 87 10.27 -18.54 5.35
C ALA B 87 10.84 -17.30 4.70
N ALA B 88 10.00 -16.56 3.99
CA ALA B 88 10.36 -15.28 3.38
C ALA B 88 10.80 -14.32 4.48
N CYS B 89 10.02 -14.23 5.56
CA CYS B 89 10.38 -13.37 6.68
CA CYS B 89 10.38 -13.39 6.73
C CYS B 89 11.75 -13.75 7.29
N HIS B 90 11.94 -15.01 7.54
CA HIS B 90 13.16 -15.52 8.11
C HIS B 90 14.37 -15.18 7.25
N VAL B 91 14.26 -15.44 5.95
CA VAL B 91 15.37 -15.13 5.04
C VAL B 91 15.81 -13.66 5.14
N VAL B 92 14.81 -12.78 5.17
CA VAL B 92 15.05 -11.35 5.28
C VAL B 92 15.67 -11.04 6.63
N GLN B 93 15.11 -11.60 7.70
CA GLN B 93 15.67 -11.38 9.05
C GLN B 93 17.09 -11.90 9.24
N GLN B 94 17.47 -12.93 8.50
CA GLN B 94 18.80 -13.49 8.63
C GLN B 94 19.78 -12.74 7.76
N GLY B 95 19.32 -11.77 7.00
CA GLY B 95 20.22 -10.80 6.38
C GLY B 95 20.50 -10.98 4.91
N GLN B 96 19.72 -11.81 4.25
CA GLN B 96 19.88 -12.09 2.81
C GLN B 96 19.85 -10.79 2.02
N GLU B 97 20.83 -10.61 1.15
CA GLU B 97 20.84 -9.43 0.30
C GLU B 97 20.09 -9.70 -1.00
N GLY B 98 19.74 -8.61 -1.67
CA GLY B 98 19.14 -8.68 -3.00
C GLY B 98 17.64 -8.78 -3.00
N ILE B 99 17.02 -8.45 -1.87
CA ILE B 99 15.56 -8.51 -1.74
CA ILE B 99 15.56 -8.51 -1.74
C ILE B 99 15.01 -7.08 -1.69
N ALA B 100 14.18 -6.73 -2.68
CA ALA B 100 13.64 -5.39 -2.80
C ALA B 100 12.42 -5.22 -1.93
N GLY B 101 11.67 -6.30 -1.75
CA GLY B 101 10.51 -6.30 -0.88
C GLY B 101 9.95 -7.69 -0.71
N VAL B 102 8.99 -7.82 0.22
CA VAL B 102 8.31 -9.10 0.45
CA VAL B 102 8.29 -9.09 0.42
C VAL B 102 6.81 -8.84 0.59
N MSE B 103 6.02 -9.71 -0.01
CA MSE B 103 4.58 -9.76 0.14
CA MSE B 103 4.58 -9.74 0.17
C MSE B 103 4.28 -11.04 0.91
O MSE B 103 4.61 -12.14 0.46
CB MSE B 103 3.97 -9.80 -1.25
CB MSE B 103 3.82 -9.66 -1.16
CG MSE B 103 2.52 -9.92 -1.28
CG MSE B 103 3.77 -8.26 -1.80
SE MSE B 103 1.90 -9.19 -3.00
SE MSE B 103 2.13 -7.88 -2.80
CE MSE B 103 0.34 -10.22 -3.08
CE MSE B 103 1.93 -9.66 -3.64
N LEU B 104 3.70 -10.88 2.09
CA LEU B 104 3.41 -11.99 3.01
C LEU B 104 1.91 -12.19 3.04
N VAL B 105 1.44 -13.20 2.33
CA VAL B 105 0.03 -13.45 2.20
C VAL B 105 -0.43 -14.58 3.16
N ALA B 106 -1.34 -14.22 4.08
CA ALA B 106 -1.82 -15.12 5.12
C ALA B 106 -0.67 -15.79 5.82
N PRO B 107 0.23 -15.00 6.41
CA PRO B 107 1.29 -15.67 7.12
C PRO B 107 0.72 -16.52 8.27
N ALA B 108 1.34 -17.65 8.53
CA ALA B 108 0.92 -18.50 9.63
C ALA B 108 1.51 -17.99 10.94
N GLU B 109 0.79 -18.18 12.02
CA GLU B 109 1.32 -17.96 13.36
C GLU B 109 2.51 -18.90 13.63
N PRO B 110 3.71 -18.34 13.88
CA PRO B 110 4.89 -19.20 14.06
C PRO B 110 4.77 -20.39 15.01
N MSE B 111 4.07 -20.26 16.14
CA MSE B 111 4.01 -21.33 17.10
CA MSE B 111 3.95 -21.33 17.11
C MSE B 111 3.17 -22.52 16.58
O MSE B 111 3.28 -23.61 17.10
CB MSE B 111 3.56 -20.84 18.51
CB MSE B 111 3.32 -20.85 18.43
CG MSE B 111 2.23 -20.10 18.60
CG MSE B 111 1.85 -20.40 18.35
SE MSE B 111 0.80 -21.32 18.66
SE MSE B 111 0.85 -20.79 19.97
CE MSE B 111 0.77 -21.70 20.62
CE MSE B 111 0.54 -22.67 19.65
N ARG B 112 2.39 -22.33 15.52
CA ARG B 112 1.65 -23.43 14.93
C ARG B 112 2.60 -24.45 14.30
N PHE B 113 3.80 -24.02 13.94
CA PHE B 113 4.85 -24.88 13.36
C PHE B 113 6.07 -24.97 14.29
N GLU B 114 5.87 -24.62 15.57
CA GLU B 114 6.92 -24.54 16.55
C GLU B 114 8.17 -23.77 16.10
N ILE B 115 7.98 -22.66 15.39
CA ILE B 115 9.11 -21.84 14.98
C ILE B 115 9.06 -20.41 15.52
N ASP B 116 8.32 -20.23 16.59
CA ASP B 116 8.23 -18.95 17.24
C ASP B 116 9.58 -18.47 17.80
N ASP B 117 10.49 -19.40 18.04
CA ASP B 117 11.84 -18.98 18.46
C ASP B 117 12.72 -18.54 17.27
N ARG B 118 12.28 -18.76 16.03
CA ARG B 118 13.06 -18.42 14.85
C ARG B 118 12.47 -17.33 13.97
N ILE B 119 11.28 -16.87 14.29
CA ILE B 119 10.70 -15.72 13.62
C ILE B 119 10.62 -14.59 14.63
N GLN B 120 11.23 -13.45 14.35
CA GLN B 120 11.34 -12.38 15.34
CA GLN B 120 11.30 -12.44 15.38
C GLN B 120 10.27 -11.35 15.17
N ALA B 121 9.72 -10.85 16.28
CA ALA B 121 8.76 -9.77 16.26
C ALA B 121 9.60 -8.50 16.26
N SER B 122 10.22 -8.23 15.13
CA SER B 122 11.05 -7.05 14.95
C SER B 122 10.98 -6.55 13.48
N PRO B 123 11.23 -5.24 13.27
CA PRO B 123 11.01 -4.61 11.97
C PRO B 123 11.85 -5.26 10.88
N LEU B 124 11.18 -5.60 9.78
CA LEU B 124 11.82 -6.23 8.61
C LEU B 124 12.63 -5.16 7.87
N SER B 125 13.77 -5.56 7.35
CA SER B 125 14.70 -4.59 6.77
C SER B 125 14.33 -4.18 5.36
N VAL B 126 13.25 -4.76 4.83
CA VAL B 126 12.77 -4.41 3.51
C VAL B 126 11.29 -3.99 3.58
N PRO B 127 10.85 -3.20 2.60
CA PRO B 127 9.41 -2.93 2.47
C PRO B 127 8.62 -4.24 2.43
N THR B 128 7.56 -4.31 3.23
CA THR B 128 6.71 -5.49 3.38
CA THR B 128 6.68 -5.48 3.18
C THR B 128 5.23 -5.13 3.29
N LEU B 129 4.44 -6.01 2.68
CA LEU B 129 3.03 -5.87 2.63
C LEU B 129 2.53 -7.21 3.16
N THR B 130 1.64 -7.18 4.14
CA THR B 130 1.05 -8.37 4.72
C THR B 130 -0.46 -8.37 4.49
N PHE B 131 -0.96 -9.49 4.02
CA PHE B 131 -2.39 -9.66 3.77
C PHE B 131 -2.94 -10.62 4.83
N ALA B 132 -4.05 -10.22 5.46
CA ALA B 132 -4.61 -10.94 6.62
C ALA B 132 -6.10 -11.16 6.44
N SER B 133 -6.55 -12.29 6.94
CA SER B 133 -7.91 -12.72 6.89
C SER B 133 -8.48 -12.86 8.29
N HIS B 134 -9.79 -12.72 8.35
CA HIS B 134 -10.52 -12.82 9.62
C HIS B 134 -10.97 -14.25 9.92
N ASN B 135 -10.82 -15.16 8.96
CA ASN B 135 -11.16 -16.58 9.21
C ASN B 135 -10.11 -17.55 8.65
N ASP B 136 -8.85 -17.22 8.94
CA ASP B 136 -7.72 -18.04 8.57
C ASP B 136 -7.41 -18.93 9.80
N PRO B 137 -7.58 -20.25 9.67
CA PRO B 137 -7.27 -21.06 10.86
C PRO B 137 -5.90 -20.82 11.45
N LEU B 138 -4.88 -20.59 10.60
CA LEU B 138 -3.49 -20.55 11.09
C LEU B 138 -3.04 -19.24 11.70
N MSE B 139 -3.86 -18.20 11.59
CA MSE B 139 -3.50 -16.89 12.13
CA MSE B 139 -3.56 -16.97 12.29
C MSE B 139 -4.74 -16.05 12.41
O MSE B 139 -5.47 -15.77 11.46
CB MSE B 139 -2.55 -16.19 11.13
CB MSE B 139 -2.40 -16.21 11.68
CG MSE B 139 -2.17 -14.76 11.48
CG MSE B 139 -2.10 -15.03 12.52
SE MSE B 139 -0.81 -14.68 12.89
SE MSE B 139 -0.77 -13.92 11.84
CE MSE B 139 0.76 -14.59 11.72
CE MSE B 139 0.56 -14.73 12.79
N SER B 140 -4.98 -15.59 13.64
CA SER B 140 -6.08 -14.71 13.88
C SER B 140 -5.75 -13.34 13.33
N PHE B 141 -6.79 -12.57 13.02
CA PHE B 141 -6.61 -11.23 12.49
C PHE B 141 -5.88 -10.35 13.49
N THR B 142 -6.25 -10.42 14.77
CA THR B 142 -5.55 -9.60 15.78
CA THR B 142 -5.59 -9.59 15.77
C THR B 142 -4.11 -9.97 15.88
N ARG B 143 -3.78 -11.26 15.72
CA ARG B 143 -2.36 -11.69 15.73
C ARG B 143 -1.65 -11.24 14.44
N ALA B 144 -2.38 -11.16 13.32
CA ALA B 144 -1.76 -10.67 12.06
C ALA B 144 -1.40 -9.21 12.27
N GLN B 145 -2.26 -8.50 12.99
CA GLN B 145 -1.97 -7.12 13.34
C GLN B 145 -0.76 -6.97 14.24
N TYR B 146 -0.64 -7.84 15.23
CA TYR B 146 0.54 -7.89 16.08
C TYR B 146 1.82 -8.04 15.30
N TRP B 147 1.86 -9.04 14.45
CA TRP B 147 3.05 -9.34 13.65
C TRP B 147 3.35 -8.23 12.64
N ALA B 148 2.32 -7.73 11.96
CA ALA B 148 2.52 -6.58 11.00
C ALA B 148 3.11 -5.35 11.68
N GLN B 149 2.60 -5.04 12.86
CA GLN B 149 3.13 -3.97 13.67
C GLN B 149 4.61 -4.22 14.05
N ALA B 150 4.87 -5.42 14.58
CA ALA B 150 6.24 -5.81 14.96
C ALA B 150 7.15 -5.69 13.74
N TRP B 151 6.68 -6.14 12.59
CA TRP B 151 7.47 -6.14 11.36
C TRP B 151 7.48 -4.77 10.69
N ASP B 152 6.65 -3.84 11.18
CA ASP B 152 6.34 -2.54 10.48
C ASP B 152 5.99 -2.81 9.04
N SER B 153 5.14 -3.79 8.86
CA SER B 153 4.62 -4.12 7.57
C SER B 153 3.27 -3.42 7.37
N GLU B 154 2.96 -3.06 6.15
CA GLU B 154 1.62 -2.57 5.83
C GLU B 154 0.70 -3.76 5.98
N LEU B 155 -0.48 -3.55 6.55
CA LEU B 155 -1.43 -4.61 6.82
CA LEU B 155 -1.43 -4.62 6.80
C LEU B 155 -2.70 -4.43 5.97
N VAL B 156 -2.94 -5.37 5.07
CA VAL B 156 -4.10 -5.33 4.21
C VAL B 156 -5.09 -6.37 4.69
N ASP B 157 -6.23 -5.90 5.14
CA ASP B 157 -7.34 -6.73 5.61
C ASP B 157 -8.18 -7.17 4.44
N VAL B 158 -8.10 -8.46 4.10
CA VAL B 158 -8.87 -9.02 2.97
C VAL B 158 -10.20 -9.65 3.40
N GLY B 159 -10.68 -9.36 4.60
CA GLY B 159 -11.98 -9.78 5.04
C GLY B 159 -11.96 -11.23 5.43
N GLU B 160 -13.08 -11.91 5.29
CA GLU B 160 -13.17 -13.34 5.55
C GLU B 160 -12.77 -14.08 4.30
N ALA B 161 -11.47 -14.20 4.15
CA ALA B 161 -10.80 -14.73 2.95
C ALA B 161 -10.24 -16.12 3.25
N GLY B 162 -10.72 -16.77 4.30
CA GLY B 162 -10.27 -18.10 4.65
C GLY B 162 -8.77 -18.06 4.86
N HIS B 163 -8.09 -19.07 4.36
CA HIS B 163 -6.64 -19.20 4.39
C HIS B 163 -6.02 -18.60 3.10
N ILE B 164 -6.77 -17.77 2.38
CA ILE B 164 -6.36 -17.18 1.10
C ILE B 164 -5.79 -18.25 0.15
N ASN B 165 -6.67 -19.17 -0.25
CA ASN B 165 -6.29 -20.27 -1.10
C ASN B 165 -7.50 -20.58 -1.99
N ALA B 166 -7.43 -21.69 -2.74
CA ALA B 166 -8.43 -21.92 -3.79
C ALA B 166 -9.86 -22.05 -3.29
N GLU B 167 -10.10 -22.71 -2.15
CA GLU B 167 -11.50 -22.90 -1.71
C GLU B 167 -12.11 -21.61 -1.14
N ALA B 168 -11.27 -20.67 -0.79
CA ALA B 168 -11.73 -19.36 -0.36
C ALA B 168 -11.95 -18.45 -1.56
N GLY B 169 -11.60 -18.94 -2.76
CA GLY B 169 -11.73 -18.13 -4.00
C GLY B 169 -10.48 -17.53 -4.61
N PHE B 170 -9.31 -17.90 -4.07
CA PHE B 170 -8.02 -17.36 -4.51
C PHE B 170 -7.23 -18.49 -5.14
N GLY B 171 -7.48 -18.85 -6.40
CA GLY B 171 -8.24 -18.06 -7.36
C GLY B 171 -7.36 -17.00 -8.05
N PRO B 172 -7.87 -16.38 -9.12
CA PRO B 172 -7.06 -15.44 -9.89
C PRO B 172 -6.58 -14.27 -9.09
N TRP B 173 -7.35 -13.85 -8.09
CA TRP B 173 -6.97 -12.77 -7.19
C TRP B 173 -6.38 -11.51 -7.88
N GLU B 174 -7.22 -10.91 -8.72
CA GLU B 174 -6.86 -9.62 -9.32
C GLU B 174 -6.44 -8.56 -8.32
N TYR B 175 -7.11 -8.51 -7.16
CA TYR B 175 -6.80 -7.50 -6.14
C TYR B 175 -5.38 -7.64 -5.64
N GLY B 176 -4.91 -8.87 -5.48
CA GLY B 176 -3.53 -9.08 -5.05
C GLY B 176 -2.51 -8.64 -6.08
N LEU B 177 -2.81 -8.89 -7.34
CA LEU B 177 -1.97 -8.39 -8.43
C LEU B 177 -1.95 -6.87 -8.48
N LYS B 178 -3.10 -6.26 -8.29
CA LYS B 178 -3.21 -4.79 -8.24
C LYS B 178 -2.35 -4.23 -7.14
N ARG B 179 -2.44 -4.79 -5.92
CA ARG B 179 -1.56 -4.34 -4.83
C ARG B 179 -0.07 -4.59 -5.05
N LEU B 180 0.25 -5.70 -5.68
CA LEU B 180 1.63 -6.04 -6.04
C LEU B 180 2.19 -5.00 -7.00
N ALA B 181 1.39 -4.62 -8.00
CA ALA B 181 1.79 -3.52 -8.91
C ALA B 181 2.07 -2.22 -8.22
N GLU B 182 1.12 -1.82 -7.38
CA GLU B 182 1.21 -0.55 -6.66
C GLU B 182 2.49 -0.52 -5.82
N PHE B 183 2.70 -1.62 -5.10
CA PHE B 183 3.82 -1.77 -4.17
C PHE B 183 5.17 -1.86 -4.89
N SER B 184 5.23 -2.69 -5.90
CA SER B 184 6.47 -2.98 -6.55
C SER B 184 6.97 -1.79 -7.38
N GLU B 185 6.06 -0.98 -7.92
CA GLU B 185 6.51 0.21 -8.69
C GLU B 185 7.36 1.16 -7.86
N ILE B 186 7.10 1.26 -6.56
CA ILE B 186 7.85 2.21 -5.73
C ILE B 186 9.14 1.59 -5.18
N LEU B 187 9.40 0.34 -5.53
CA LEU B 187 10.65 -0.31 -5.13
C LEU B 187 11.63 -0.33 -6.30
N ILE B 188 11.21 0.10 -7.49
CA ILE B 188 12.03 0.01 -8.70
C ILE B 188 13.18 0.95 -8.52
N PRO B 189 14.41 0.42 -8.70
CA PRO B 189 15.63 1.24 -8.79
C PRO B 189 15.47 2.44 -9.74
CA CA C . -8.47 24.19 10.30
CA CA D . 1.89 29.51 -19.29
CL CL E . -9.81 21.70 -8.05
C1 EDO F . 2.48 28.75 -15.96
O1 EDO F . 1.93 28.16 -17.16
C2 EDO F . 2.04 30.19 -15.93
O2 EDO F . 2.44 30.76 -17.19
C1 EDO G . 7.98 4.70 7.34
O1 EDO G . 8.12 5.16 8.71
C2 EDO G . 8.63 3.34 7.14
O2 EDO G . 8.02 2.40 8.04
C1 EDO H . -10.10 -3.04 8.13
O1 EDO H . -9.07 -3.70 8.90
C2 EDO H . -9.59 -2.24 6.93
O2 EDO H . -9.70 -2.96 5.70
CA CA I . 7.43 3.26 10.02
CL CL J . 1.48 -23.60 5.26
C1 EDO K . -0.49 -26.18 11.89
O1 EDO K . 0.82 -26.73 11.67
C2 EDO K . -1.52 -26.99 11.12
O2 EDO K . -1.05 -27.20 9.77
#